data_4NNI
#
_entry.id   4NNI
#
_cell.length_a   66.506
_cell.length_b   66.593
_cell.length_c   127.162
_cell.angle_alpha   90.00
_cell.angle_beta   90.00
_cell.angle_gamma   90.00
#
_symmetry.space_group_name_H-M   'P 21 21 21'
#
loop_
_entity.id
_entity.type
_entity.pdbx_description
1 polymer '30S ribosomal protein S1'
2 non-polymer 'PYRAZINE-2-CARBOXYLIC ACID'
3 water water
#
_entity_poly.entity_id   1
_entity_poly.type   'polypeptide(L)'
_entity_poly.pdbx_seq_one_letter_code
;NLYFQHMRHFARTHAIGQIVPGKVTKLVPFGAFVRVEEGIEGLVHISELAERHVEVPDQVVAVGDDAMVKVIDIDLERRR
ISLSLKQANEDYTEEFDPAKYGMADSYDEQGNYIFPEGFDAETNEWLEGFEKQRAEWEARYAEAERRHKMHTAQMEKFAA
A
;
_entity_poly.pdbx_strand_id   A,B
#
loop_
_chem_comp.id
_chem_comp.type
_chem_comp.name
_chem_comp.formula
VGL non-polymer 'PYRAZINE-2-CARBOXYLIC ACID' 'C5 H4 N2 O2'
#
# COMPACT_ATOMS: atom_id res chain seq x y z
N ASN A 1 -4.39 21.38 18.93
CA ASN A 1 -4.18 20.27 17.93
C ASN A 1 -5.08 20.48 16.68
N LEU A 2 -4.49 21.00 15.61
CA LEU A 2 -5.26 21.28 14.38
C LEU A 2 -5.81 20.02 13.64
N TYR A 3 -5.04 18.94 13.69
CA TYR A 3 -5.34 17.76 12.97
C TYR A 3 -6.55 17.02 13.55
N PHE A 4 -6.53 16.83 14.83
CA PHE A 4 -7.71 16.40 15.54
C PHE A 4 -8.93 17.23 15.20
N GLN A 5 -8.81 18.54 15.26
CA GLN A 5 -9.94 19.41 14.99
C GLN A 5 -10.45 19.19 13.53
N HIS A 6 -9.54 19.14 12.56
CA HIS A 6 -9.96 18.91 11.17
C HIS A 6 -10.66 17.56 11.07
N MET A 7 -10.08 16.54 11.66
CA MET A 7 -10.65 15.22 11.51
C MET A 7 -12.01 15.14 12.23
N ARG A 8 -12.14 15.90 13.29
CA ARG A 8 -13.39 15.92 14.04
C ARG A 8 -14.47 16.61 13.22
N HIS A 9 -14.08 17.71 12.60
CA HIS A 9 -14.96 18.43 11.69
C HIS A 9 -15.39 17.47 10.57
N PHE A 10 -14.43 16.73 10.03
CA PHE A 10 -14.74 15.79 9.04
C PHE A 10 -15.83 14.81 9.54
N ALA A 11 -15.60 14.19 10.68
CA ALA A 11 -16.51 13.18 11.19
C ALA A 11 -17.92 13.75 11.39
N ARG A 12 -17.99 14.99 11.82
CA ARG A 12 -19.27 15.62 12.06
C ARG A 12 -19.93 16.13 10.80
N THR A 13 -19.31 15.99 9.64
CA THR A 13 -19.92 16.45 8.40
C THR A 13 -20.05 15.31 7.39
N HIS A 14 -19.76 14.10 7.85
CA HIS A 14 -19.88 12.95 7.03
C HIS A 14 -20.45 11.86 7.90
N ALA A 15 -21.51 11.23 7.46
CA ALA A 15 -22.00 10.00 8.09
C ALA A 15 -21.17 8.74 7.75
N ILE A 16 -20.99 7.86 8.71
CA ILE A 16 -20.53 6.52 8.40
C ILE A 16 -21.45 5.95 7.33
N GLY A 17 -20.88 5.22 6.39
CA GLY A 17 -21.62 4.75 5.24
C GLY A 17 -21.55 5.67 4.07
N GLN A 18 -21.26 6.94 4.31
CA GLN A 18 -21.18 7.87 3.18
C GLN A 18 -20.14 7.40 2.17
N ILE A 19 -20.47 7.59 0.91
CA ILE A 19 -19.57 7.23 -0.14
C ILE A 19 -19.07 8.49 -0.77
N VAL A 20 -17.75 8.64 -0.83
CA VAL A 20 -17.16 9.94 -1.20
C VAL A 20 -16.09 9.79 -2.25
N PRO A 21 -15.84 10.83 -3.01
CA PRO A 21 -14.72 10.79 -3.97
C PRO A 21 -13.37 10.98 -3.29
N GLY A 22 -12.35 10.36 -3.85
CA GLY A 22 -11.01 10.45 -3.31
C GLY A 22 -9.97 10.26 -4.36
N LYS A 23 -8.75 10.64 -4.05
CA LYS A 23 -7.62 10.48 -4.97
C LYS A 23 -6.64 9.64 -4.20
N VAL A 24 -6.09 8.60 -4.85
CA VAL A 24 -5.13 7.68 -4.22
C VAL A 24 -3.76 8.35 -4.17
N THR A 25 -3.25 8.57 -2.96
CA THR A 25 -1.98 9.30 -2.76
C THR A 25 -0.77 8.45 -2.49
N LYS A 26 -0.98 7.27 -1.95
CA LYS A 26 0.15 6.51 -1.52
C LYS A 26 -0.24 5.09 -1.33
N LEU A 27 0.67 4.22 -1.72
CA LEU A 27 0.58 2.78 -1.57
C LEU A 27 1.46 2.26 -0.46
N VAL A 28 0.98 1.29 0.29
CA VAL A 28 1.79 0.69 1.32
C VAL A 28 1.47 -0.79 1.40
N PRO A 29 2.32 -1.55 2.10
CA PRO A 29 2.04 -2.97 2.16
C PRO A 29 0.65 -3.26 2.67
N PHE A 30 0.14 -2.42 3.56
CA PHE A 30 -1.16 -2.72 4.19
C PHE A 30 -2.37 -1.98 3.60
N GLY A 31 -2.23 -1.32 2.46
CA GLY A 31 -3.33 -0.66 1.82
C GLY A 31 -2.97 0.53 0.98
N ALA A 32 -3.88 1.48 0.90
CA ALA A 32 -3.71 2.64 0.06
C ALA A 32 -4.35 3.82 0.74
N PHE A 33 -3.60 4.92 0.76
CA PHE A 33 -4.10 6.09 1.38
C PHE A 33 -4.76 6.87 0.33
N VAL A 34 -5.87 7.51 0.71
CA VAL A 34 -6.66 8.27 -0.23
C VAL A 34 -7.03 9.63 0.33
N ARG A 35 -6.80 10.66 -0.45
CA ARG A 35 -7.16 12.00 -0.04
C ARG A 35 -8.61 12.18 -0.40
N VAL A 36 -9.38 12.65 0.59
CA VAL A 36 -10.83 12.70 0.49
C VAL A 36 -11.34 14.12 0.33
N GLU A 37 -12.04 14.33 -0.80
CA GLU A 37 -12.67 15.60 -1.21
C GLU A 37 -11.68 16.76 -1.32
N GLU A 38 -10.48 16.50 -1.83
CA GLU A 38 -9.35 17.48 -1.75
C GLU A 38 -9.03 17.96 -0.31
N GLY A 39 -9.30 17.11 0.68
CA GLY A 39 -9.28 17.49 2.09
C GLY A 39 -8.18 16.75 2.73
N ILE A 40 -8.51 15.75 3.53
CA ILE A 40 -7.51 14.93 4.24
C ILE A 40 -7.57 13.48 3.86
N GLU A 41 -6.68 12.70 4.43
CA GLU A 41 -6.44 11.36 3.94
C GLU A 41 -7.09 10.31 4.80
N GLY A 42 -7.67 9.29 4.18
CA GLY A 42 -8.03 8.09 4.91
C GLY A 42 -7.23 6.92 4.40
N LEU A 43 -7.37 5.80 5.07
CA LEU A 43 -6.78 4.59 4.60
C LEU A 43 -7.79 3.56 4.04
N VAL A 44 -7.58 3.08 2.83
CA VAL A 44 -8.25 1.86 2.39
C VAL A 44 -7.33 0.72 2.70
N HIS A 45 -7.70 -0.05 3.69
CA HIS A 45 -6.94 -1.21 4.02
C HIS A 45 -6.89 -2.16 2.85
N ILE A 46 -5.83 -2.95 2.80
CA ILE A 46 -5.63 -3.84 1.66
C ILE A 46 -6.82 -4.83 1.48
N SER A 47 -7.33 -5.40 2.56
CA SER A 47 -8.50 -6.32 2.49
C SER A 47 -9.77 -5.61 1.98
N GLU A 48 -9.83 -4.28 2.01
CA GLU A 48 -11.00 -3.54 1.53
C GLU A 48 -10.86 -2.92 0.13
N LEU A 49 -9.86 -3.37 -0.61
CA LEU A 49 -9.65 -2.84 -1.93
C LEU A 49 -10.59 -3.47 -2.93
N ALA A 50 -10.84 -4.76 -2.76
CA ALA A 50 -11.74 -5.48 -3.62
C ALA A 50 -12.24 -6.76 -2.97
N GLU A 51 -13.16 -7.39 -3.67
CA GLU A 51 -13.75 -8.61 -3.20
C GLU A 51 -12.71 -9.72 -3.20
N ARG A 52 -11.98 -9.86 -4.30
CA ARG A 52 -10.92 -10.90 -4.36
C ARG A 52 -9.81 -10.60 -3.35
N HIS A 53 -9.13 -11.63 -2.89
CA HIS A 53 -7.90 -11.42 -2.12
C HIS A 53 -6.80 -10.77 -3.00
N VAL A 54 -5.93 -9.99 -2.37
CA VAL A 54 -4.92 -9.18 -3.06
C VAL A 54 -3.57 -9.24 -2.35
N GLU A 55 -2.51 -9.45 -3.12
CA GLU A 55 -1.15 -9.55 -2.55
C GLU A 55 -0.49 -8.18 -2.40
N VAL A 56 -0.84 -7.22 -3.27
CA VAL A 56 -0.32 -5.86 -3.16
C VAL A 56 -1.35 -4.87 -3.69
N PRO A 57 -1.38 -3.68 -3.10
CA PRO A 57 -2.41 -2.74 -3.53
C PRO A 57 -2.38 -2.42 -5.02
N ASP A 58 -1.21 -2.48 -5.61
CA ASP A 58 -1.07 -2.09 -7.03
C ASP A 58 -1.93 -2.92 -7.92
N GLN A 59 -2.26 -4.11 -7.44
CA GLN A 59 -3.18 -4.97 -8.15
C GLN A 59 -4.54 -4.32 -8.40
N VAL A 60 -4.92 -3.30 -7.63
CA VAL A 60 -6.24 -2.67 -7.77
C VAL A 60 -6.20 -1.19 -8.06
N VAL A 61 -5.24 -0.48 -7.47
CA VAL A 61 -5.18 0.95 -7.68
C VAL A 61 -3.78 1.39 -7.89
N ALA A 62 -3.67 2.64 -8.31
CA ALA A 62 -2.40 3.28 -8.48
C ALA A 62 -2.47 4.73 -8.02
N VAL A 63 -1.32 5.23 -7.60
CA VAL A 63 -1.20 6.62 -7.19
C VAL A 63 -1.81 7.50 -8.24
N GLY A 64 -2.66 8.40 -7.83
CA GLY A 64 -3.24 9.30 -8.79
C GLY A 64 -4.60 8.86 -9.29
N ASP A 65 -5.00 7.61 -9.07
CA ASP A 65 -6.34 7.13 -9.52
C ASP A 65 -7.43 7.85 -8.74
N ASP A 66 -8.53 8.17 -9.41
CA ASP A 66 -9.73 8.71 -8.72
C ASP A 66 -10.62 7.62 -8.35
N ALA A 67 -11.26 7.72 -7.21
CA ALA A 67 -12.14 6.66 -6.79
C ALA A 67 -13.23 7.11 -5.83
N MET A 68 -14.28 6.28 -5.71
CA MET A 68 -15.35 6.54 -4.79
C MET A 68 -15.23 5.52 -3.71
N VAL A 69 -15.15 5.97 -2.47
CA VAL A 69 -14.99 5.05 -1.39
C VAL A 69 -16.01 5.33 -0.31
N LYS A 70 -16.23 4.32 0.48
CA LYS A 70 -17.08 4.39 1.54
C LYS A 70 -16.30 4.68 2.81
N VAL A 71 -16.79 5.64 3.57
CA VAL A 71 -16.31 5.87 4.93
C VAL A 71 -16.84 4.80 5.89
N ILE A 72 -15.98 3.94 6.41
CA ILE A 72 -16.48 2.87 7.22
C ILE A 72 -16.17 3.01 8.69
N ASP A 73 -15.22 3.88 9.05
CA ASP A 73 -14.88 4.09 10.45
C ASP A 73 -14.05 5.34 10.64
N ILE A 74 -14.27 6.00 11.77
CA ILE A 74 -13.50 7.17 12.10
C ILE A 74 -13.03 7.08 13.52
N ASP A 75 -11.73 6.98 13.67
CA ASP A 75 -11.11 6.83 14.96
C ASP A 75 -10.34 8.12 15.26
N LEU A 76 -10.91 8.97 16.13
CA LEU A 76 -10.39 10.30 16.45
C LEU A 76 -9.24 10.22 17.47
N GLU A 77 -9.19 9.15 18.21
CA GLU A 77 -8.07 8.84 19.10
C GLU A 77 -6.81 8.52 18.31
N ARG A 78 -6.90 7.55 17.40
CA ARG A 78 -5.75 7.14 16.56
C ARG A 78 -5.62 7.98 15.29
N ARG A 79 -6.50 8.98 15.18
CA ARG A 79 -6.61 9.84 14.00
C ARG A 79 -6.47 9.09 12.67
N ARG A 80 -7.30 8.03 12.53
CA ARG A 80 -7.46 7.31 11.29
C ARG A 80 -8.88 7.29 10.83
N ILE A 81 -9.04 7.67 9.57
CA ILE A 81 -10.27 7.46 8.84
C ILE A 81 -10.11 6.20 7.99
N SER A 82 -11.00 5.24 8.19
CA SER A 82 -11.03 4.01 7.38
C SER A 82 -11.95 4.08 6.20
N LEU A 83 -11.44 3.62 5.06
CA LEU A 83 -12.18 3.66 3.81
C LEU A 83 -12.22 2.29 3.18
N SER A 84 -13.26 2.06 2.34
CA SER A 84 -13.45 0.80 1.67
C SER A 84 -13.91 1.03 0.27
N LEU A 85 -13.18 0.43 -0.65
CA LEU A 85 -13.55 0.49 -2.04
C LEU A 85 -14.51 -0.66 -2.30
N LYS A 86 -14.12 -1.84 -1.83
CA LYS A 86 -14.95 -3.02 -1.84
C LYS A 86 -16.42 -2.69 -1.46
N GLN A 87 -16.60 -2.17 -0.25
CA GLN A 87 -17.97 -1.94 0.25
C GLN A 87 -18.74 -0.87 -0.47
N ALA A 88 -18.02 0.16 -0.90
CA ALA A 88 -18.64 1.13 -1.74
C ALA A 88 -19.32 0.42 -2.93
N ASN A 89 -18.58 -0.48 -3.58
CA ASN A 89 -19.12 -1.19 -4.71
C ASN A 89 -20.23 -2.24 -4.39
N GLU A 90 -20.09 -2.97 -3.30
CA GLU A 90 -21.13 -3.77 -2.76
C GLU A 90 -22.42 -2.96 -2.58
N ASP A 91 -22.34 -1.70 -2.18
CA ASP A 91 -23.56 -0.94 -1.92
C ASP A 91 -24.03 -0.15 -3.11
N TYR A 92 -23.29 -0.22 -4.19
CA TYR A 92 -23.72 0.50 -5.36
C TYR A 92 -25.07 -0.05 -5.82
N THR A 93 -25.84 0.84 -6.42
CA THR A 93 -27.09 0.48 -6.94
C THR A 93 -27.29 1.38 -8.14
N GLU A 94 -27.76 0.82 -9.25
CA GLU A 94 -27.97 1.63 -10.42
C GLU A 94 -28.93 2.75 -10.11
N GLU A 95 -29.90 2.41 -9.27
CA GLU A 95 -30.82 3.41 -8.80
C GLU A 95 -30.17 4.34 -7.76
N PHE A 96 -30.46 5.63 -7.89
CA PHE A 96 -29.81 6.66 -7.08
C PHE A 96 -30.35 6.76 -5.67
N ASP A 97 -29.50 6.48 -4.68
CA ASP A 97 -29.88 6.70 -3.26
C ASP A 97 -29.14 7.91 -2.69
N PRO A 98 -29.79 9.05 -2.67
CA PRO A 98 -29.05 10.23 -2.21
C PRO A 98 -28.49 10.15 -0.76
N ALA A 99 -29.11 9.34 0.06
CA ALA A 99 -28.62 9.13 1.40
C ALA A 99 -27.15 8.71 1.44
N LYS A 100 -26.70 7.98 0.42
CA LYS A 100 -25.36 7.41 0.48
C LYS A 100 -24.31 8.34 -0.14
N TYR A 101 -24.73 9.45 -0.72
CA TYR A 101 -23.80 10.35 -1.38
C TYR A 101 -23.88 11.77 -0.85
N GLY A 102 -24.31 11.98 0.39
CA GLY A 102 -24.21 13.33 1.00
C GLY A 102 -25.50 13.96 1.47
N MET A 103 -26.63 13.26 1.34
CA MET A 103 -27.90 13.76 1.74
C MET A 103 -28.58 12.88 2.80
N ALA A 104 -27.80 12.18 3.61
CA ALA A 104 -28.41 11.38 4.67
C ALA A 104 -29.30 12.17 5.61
N ASP A 105 -29.10 13.47 5.72
CA ASP A 105 -29.91 14.23 6.68
C ASP A 105 -31.27 14.59 6.11
N SER A 106 -31.53 14.18 4.88
CA SER A 106 -32.87 14.31 4.35
C SER A 106 -33.71 13.07 4.64
N TYR A 107 -33.25 12.18 5.51
CA TYR A 107 -33.99 10.98 5.87
C TYR A 107 -34.06 10.81 7.39
N ASP A 108 -35.22 10.41 7.90
CA ASP A 108 -35.39 10.24 9.34
C ASP A 108 -34.97 8.84 9.75
N GLU A 109 -35.30 8.47 10.98
CA GLU A 109 -34.83 7.22 11.55
C GLU A 109 -35.43 6.00 10.87
N GLN A 110 -36.67 6.14 10.45
CA GLN A 110 -37.35 5.10 9.68
C GLN A 110 -36.78 4.99 8.24
N GLY A 111 -36.22 6.07 7.72
CA GLY A 111 -35.83 6.17 6.31
C GLY A 111 -36.79 7.00 5.48
N ASN A 112 -37.81 7.56 6.09
CA ASN A 112 -38.70 8.46 5.37
C ASN A 112 -37.98 9.75 5.03
N TYR A 113 -38.32 10.28 3.86
CA TYR A 113 -37.74 11.51 3.33
C TYR A 113 -38.25 12.71 4.09
N ILE A 114 -37.40 13.71 4.29
CA ILE A 114 -37.80 14.92 4.95
C ILE A 114 -37.79 16.03 3.95
N PHE A 115 -38.93 16.64 3.74
CA PHE A 115 -38.97 17.78 2.85
C PHE A 115 -38.20 18.92 3.51
N PRO A 116 -37.26 19.51 2.79
CA PRO A 116 -36.48 20.56 3.44
C PRO A 116 -37.26 21.82 3.79
N GLU A 117 -36.76 22.54 4.79
CA GLU A 117 -37.29 23.83 5.16
C GLU A 117 -37.33 24.80 3.95
N GLY A 118 -38.55 25.23 3.60
CA GLY A 118 -38.77 26.15 2.47
C GLY A 118 -39.44 25.53 1.26
N PHE A 119 -39.52 24.21 1.23
CA PHE A 119 -40.18 23.53 0.11
C PHE A 119 -41.57 23.07 0.56
N ASP A 120 -42.56 23.33 -0.29
CA ASP A 120 -43.95 22.98 0.02
C ASP A 120 -44.29 21.67 -0.65
N ALA A 121 -44.48 20.63 0.14
CA ALA A 121 -44.75 19.28 -0.37
C ALA A 121 -46.10 19.26 -1.04
N GLU A 122 -47.03 20.03 -0.44
CA GLU A 122 -48.39 20.10 -0.93
C GLU A 122 -48.36 20.76 -2.30
N THR A 123 -47.76 21.92 -2.39
CA THR A 123 -47.68 22.70 -3.63
C THR A 123 -46.67 22.08 -4.57
N ASN A 124 -45.72 21.36 -3.98
CA ASN A 124 -44.54 20.84 -4.68
C ASN A 124 -43.68 21.93 -5.36
N GLU A 125 -43.44 23.01 -4.62
CA GLU A 125 -42.65 24.15 -5.13
C GLU A 125 -41.93 24.79 -3.96
N TRP A 126 -40.87 25.49 -4.28
CA TRP A 126 -40.12 26.23 -3.27
C TRP A 126 -40.87 27.48 -2.88
N LEU A 127 -40.80 27.85 -1.60
CA LEU A 127 -41.50 29.05 -1.12
C LEU A 127 -40.65 30.30 -1.33
N GLU A 128 -41.28 31.31 -1.93
CA GLU A 128 -40.65 32.58 -2.27
C GLU A 128 -40.14 33.26 -0.99
N GLY A 129 -38.90 33.75 -1.05
CA GLY A 129 -38.17 34.29 0.10
C GLY A 129 -37.24 33.25 0.67
N PHE A 130 -37.21 32.05 0.07
CA PHE A 130 -36.34 30.99 0.57
C PHE A 130 -35.22 30.70 -0.41
N GLU A 131 -34.92 31.68 -1.24
CA GLU A 131 -34.01 31.45 -2.37
C GLU A 131 -32.63 30.95 -1.93
N LYS A 132 -32.20 31.35 -0.73
CA LYS A 132 -30.92 30.91 -0.18
C LYS A 132 -30.94 29.41 0.07
N GLN A 133 -32.05 28.91 0.60
CA GLN A 133 -32.12 27.53 1.03
C GLN A 133 -32.29 26.60 -0.18
N ARG A 134 -33.07 27.07 -1.13
CA ARG A 134 -33.23 26.42 -2.42
C ARG A 134 -31.90 26.22 -3.10
N ALA A 135 -31.08 27.26 -3.04
CA ALA A 135 -29.78 27.28 -3.69
C ALA A 135 -28.85 26.22 -3.07
N GLU A 136 -28.70 26.27 -1.75
CA GLU A 136 -27.85 25.37 -1.00
C GLU A 136 -28.29 23.93 -1.24
N TRP A 137 -29.59 23.67 -1.08
CA TRP A 137 -30.13 22.34 -1.35
C TRP A 137 -29.84 21.85 -2.78
N GLU A 138 -30.25 22.65 -3.76
CA GLU A 138 -30.00 22.31 -5.16
C GLU A 138 -28.53 21.96 -5.38
N ALA A 139 -27.64 22.71 -4.75
CA ALA A 139 -26.21 22.43 -4.81
C ALA A 139 -25.84 21.07 -4.19
N ARG A 140 -26.36 20.81 -3.02
CA ARG A 140 -26.03 19.60 -2.34
C ARG A 140 -26.50 18.49 -3.23
N TYR A 141 -27.69 18.63 -3.78
CA TYR A 141 -28.23 17.55 -4.56
C TYR A 141 -27.39 17.28 -5.76
N ALA A 142 -26.93 18.34 -6.39
CA ALA A 142 -26.20 18.22 -7.62
C ALA A 142 -24.97 17.43 -7.36
N GLU A 143 -24.32 17.74 -6.26
CA GLU A 143 -23.12 17.04 -5.87
C GLU A 143 -23.39 15.58 -5.62
N ALA A 144 -24.49 15.31 -4.96
CA ALA A 144 -24.81 13.92 -4.68
C ALA A 144 -25.03 13.14 -5.96
N GLU A 145 -25.66 13.77 -6.93
CA GLU A 145 -25.84 13.16 -8.22
C GLU A 145 -24.50 12.86 -8.85
N ARG A 146 -23.66 13.91 -8.89
CA ARG A 146 -22.35 13.81 -9.56
C ARG A 146 -21.64 12.61 -9.01
N ARG A 147 -21.72 12.49 -7.71
CA ARG A 147 -20.99 11.46 -7.04
C ARG A 147 -21.49 10.09 -7.42
N HIS A 148 -22.80 9.95 -7.51
CA HIS A 148 -23.36 8.67 -7.90
C HIS A 148 -22.95 8.38 -9.32
N LYS A 149 -23.07 9.37 -10.21
CA LYS A 149 -22.62 9.19 -11.61
C LYS A 149 -21.19 8.67 -11.68
N MET A 150 -20.29 9.31 -10.97
CA MET A 150 -18.91 8.84 -10.93
C MET A 150 -18.86 7.38 -10.51
N HIS A 151 -19.64 7.04 -9.53
CA HIS A 151 -19.56 5.69 -8.99
C HIS A 151 -19.98 4.74 -10.12
N THR A 152 -20.99 5.19 -10.91
CA THR A 152 -21.54 4.36 -11.96
C THR A 152 -20.34 4.08 -12.86
N ALA A 153 -19.73 5.17 -13.35
CA ALA A 153 -18.48 5.06 -14.14
C ALA A 153 -17.47 4.06 -13.52
N GLN A 154 -17.23 4.13 -12.22
CA GLN A 154 -16.33 3.20 -11.59
C GLN A 154 -16.83 1.76 -11.73
N MET A 155 -18.13 1.58 -11.58
CA MET A 155 -18.67 0.23 -11.71
C MET A 155 -18.58 -0.24 -13.16
N GLU A 156 -18.86 0.64 -14.12
CA GLU A 156 -18.76 0.30 -15.55
C GLU A 156 -17.34 -0.09 -15.93
N LYS A 157 -16.38 0.62 -15.36
CA LYS A 157 -14.95 0.31 -15.55
C LYS A 157 -14.57 -0.98 -14.82
N PHE A 158 -15.57 -1.73 -14.41
CA PHE A 158 -15.36 -3.04 -13.87
C PHE A 158 -15.58 -4.12 -14.92
N ALA A 159 -15.42 -3.72 -16.19
CA ALA A 159 -15.25 -4.61 -17.35
C ALA A 159 -13.97 -5.46 -17.21
N ALA A 160 -13.17 -5.21 -16.16
CA ALA A 160 -12.06 -6.08 -15.76
C ALA A 160 -12.47 -7.53 -15.50
N ALA A 161 -13.61 -7.75 -14.82
CA ALA A 161 -14.06 -9.12 -14.45
C ALA A 161 -14.74 -9.88 -15.60
N ASN B 1 8.72 15.44 1.52
CA ASN B 1 10.09 15.92 1.27
C ASN B 1 11.11 14.84 1.60
N LEU B 2 10.80 13.98 2.55
CA LEU B 2 11.67 12.89 2.92
C LEU B 2 11.68 11.96 1.78
N TYR B 3 12.70 11.15 1.65
CA TYR B 3 12.70 10.24 0.55
C TYR B 3 14.06 10.06 -0.03
N PHE B 4 14.78 11.13 -0.20
CA PHE B 4 16.15 11.01 -0.45
C PHE B 4 16.65 10.37 0.82
N GLN B 5 16.12 10.85 1.92
CA GLN B 5 16.57 10.42 3.21
C GLN B 5 16.31 8.94 3.40
N HIS B 6 15.15 8.49 2.96
CA HIS B 6 14.82 7.11 3.10
C HIS B 6 15.78 6.28 2.30
N MET B 7 16.09 6.73 1.10
CA MET B 7 16.83 5.89 0.20
C MET B 7 18.26 5.89 0.67
N ARG B 8 18.62 6.95 1.33
CA ARG B 8 19.96 7.06 1.85
C ARG B 8 20.13 6.14 3.03
N HIS B 9 19.13 6.14 3.90
CA HIS B 9 19.07 5.20 5.01
C HIS B 9 19.14 3.74 4.52
N PHE B 10 18.38 3.47 3.49
CA PHE B 10 18.42 2.20 2.88
C PHE B 10 19.86 1.82 2.42
N ALA B 11 20.50 2.70 1.66
CA ALA B 11 21.87 2.44 1.17
C ALA B 11 22.86 2.20 2.29
N ARG B 12 22.71 2.92 3.37
CA ARG B 12 23.60 2.76 4.50
C ARG B 12 23.25 1.59 5.42
N THR B 13 22.19 0.85 5.13
CA THR B 13 21.84 -0.30 5.92
C THR B 13 21.77 -1.56 5.07
N HIS B 14 22.19 -1.48 3.82
CA HIS B 14 22.24 -2.64 2.98
C HIS B 14 23.51 -2.54 2.15
N ALA B 15 24.29 -3.60 2.19
CA ALA B 15 25.46 -3.71 1.34
C ALA B 15 25.09 -4.05 -0.12
N ILE B 16 25.78 -3.44 -1.04
CA ILE B 16 25.72 -3.91 -2.41
C ILE B 16 26.04 -5.39 -2.38
N GLY B 17 25.34 -6.15 -3.20
CA GLY B 17 25.42 -7.60 -3.17
C GLY B 17 24.44 -8.28 -2.23
N GLN B 18 23.88 -7.55 -1.29
CA GLN B 18 22.89 -8.14 -0.45
C GLN B 18 21.69 -8.66 -1.25
N ILE B 19 21.21 -9.80 -0.83
CA ILE B 19 20.07 -10.38 -1.47
C ILE B 19 18.91 -10.25 -0.54
N VAL B 20 17.84 -9.65 -1.02
CA VAL B 20 16.73 -9.27 -0.11
C VAL B 20 15.39 -9.74 -0.64
N PRO B 21 14.42 -9.95 0.27
CA PRO B 21 13.04 -10.28 -0.20
C PRO B 21 12.32 -9.06 -0.68
N GLY B 22 11.42 -9.29 -1.63
CA GLY B 22 10.69 -8.23 -2.24
C GLY B 22 9.36 -8.77 -2.73
N LYS B 23 8.51 -7.83 -3.10
CA LYS B 23 7.28 -8.15 -3.72
C LYS B 23 7.18 -7.34 -4.99
N VAL B 24 6.76 -7.96 -6.07
CA VAL B 24 6.69 -7.29 -7.36
C VAL B 24 5.46 -6.43 -7.37
N THR B 25 5.64 -5.13 -7.58
CA THR B 25 4.50 -4.20 -7.56
C THR B 25 4.02 -3.71 -8.92
N LYS B 26 4.93 -3.55 -9.86
CA LYS B 26 4.57 -2.95 -11.13
C LYS B 26 5.46 -3.46 -12.24
N LEU B 27 4.82 -3.69 -13.38
CA LEU B 27 5.46 -4.09 -14.62
C LEU B 27 5.57 -2.96 -15.63
N VAL B 28 6.68 -2.85 -16.31
CA VAL B 28 6.83 -1.82 -17.32
C VAL B 28 7.58 -2.39 -18.50
N PRO B 29 7.53 -1.70 -19.64
CA PRO B 29 8.29 -2.24 -20.77
C PRO B 29 9.75 -2.52 -20.44
N PHE B 30 10.35 -1.72 -19.57
CA PHE B 30 11.79 -1.87 -19.27
C PHE B 30 12.15 -2.66 -18.01
N GLY B 31 11.18 -3.31 -17.38
CA GLY B 31 11.49 -4.12 -16.20
C GLY B 31 10.36 -4.30 -15.22
N ALA B 32 10.69 -4.47 -13.96
CA ALA B 32 9.72 -4.70 -12.92
C ALA B 32 10.16 -4.04 -11.66
N PHE B 33 9.24 -3.31 -11.05
CA PHE B 33 9.56 -2.63 -9.80
C PHE B 33 9.18 -3.54 -8.71
N VAL B 34 10.00 -3.53 -7.68
CA VAL B 34 9.85 -4.45 -6.56
C VAL B 34 9.97 -3.71 -5.25
N ARG B 35 9.01 -3.94 -4.38
CA ARG B 35 9.04 -3.33 -3.09
C ARG B 35 9.91 -4.19 -2.23
N VAL B 36 10.81 -3.55 -1.54
CA VAL B 36 11.83 -4.25 -0.79
C VAL B 36 11.59 -4.14 0.70
N GLU B 37 11.49 -5.32 1.34
CA GLU B 37 11.38 -5.51 2.79
C GLU B 37 10.18 -4.76 3.37
N GLU B 38 9.07 -4.78 2.62
CA GLU B 38 7.88 -3.99 2.96
C GLU B 38 8.19 -2.47 3.10
N GLY B 39 9.20 -2.01 2.35
CA GLY B 39 9.79 -0.71 2.52
C GLY B 39 9.58 0.05 1.26
N ILE B 40 10.65 0.27 0.49
CA ILE B 40 10.55 1.02 -0.76
C ILE B 40 10.88 0.20 -1.97
N GLU B 41 10.75 0.81 -3.14
CA GLU B 41 10.79 0.09 -4.40
C GLU B 41 12.11 0.23 -5.09
N GLY B 42 12.61 -0.88 -5.63
CA GLY B 42 13.75 -0.82 -6.59
C GLY B 42 13.30 -1.29 -7.94
N LEU B 43 14.17 -1.15 -8.92
CA LEU B 43 13.84 -1.66 -10.25
C LEU B 43 14.65 -2.88 -10.62
N VAL B 44 13.97 -3.95 -11.03
CA VAL B 44 14.66 -5.04 -11.73
C VAL B 44 14.55 -4.74 -13.19
N HIS B 45 15.65 -4.31 -13.77
CA HIS B 45 15.66 -4.08 -15.20
C HIS B 45 15.30 -5.35 -15.96
N ILE B 46 14.73 -5.17 -17.12
CA ILE B 46 14.29 -6.33 -17.90
C ILE B 46 15.44 -7.35 -18.21
N SER B 47 16.62 -6.86 -18.55
CA SER B 47 17.77 -7.73 -18.82
C SER B 47 18.23 -8.50 -17.56
N GLU B 48 17.83 -8.04 -16.36
CA GLU B 48 18.22 -8.73 -15.12
C GLU B 48 17.15 -9.65 -14.53
N LEU B 49 16.14 -9.96 -15.34
CA LEU B 49 15.04 -10.78 -14.84
C LEU B 49 15.44 -12.23 -14.83
N ALA B 50 16.18 -12.60 -15.87
CA ALA B 50 16.65 -13.96 -15.99
C ALA B 50 17.86 -14.06 -16.92
N GLU B 51 18.40 -15.26 -17.02
CA GLU B 51 19.53 -15.54 -17.88
C GLU B 51 19.10 -15.47 -19.35
N ARG B 52 17.97 -16.07 -19.70
CA ARG B 52 17.45 -15.96 -21.07
C ARG B 52 17.02 -14.53 -21.39
N HIS B 53 17.11 -14.15 -22.66
CA HIS B 53 16.54 -12.88 -23.09
C HIS B 53 15.00 -12.91 -22.98
N VAL B 54 14.40 -11.74 -22.72
CA VAL B 54 12.97 -11.65 -22.45
C VAL B 54 12.33 -10.47 -23.18
N GLU B 55 11.17 -10.69 -23.78
CA GLU B 55 10.51 -9.65 -24.56
C GLU B 55 9.65 -8.76 -23.66
N VAL B 56 9.08 -9.33 -22.61
CA VAL B 56 8.28 -8.59 -21.67
C VAL B 56 8.42 -9.17 -20.26
N PRO B 57 8.37 -8.32 -19.24
CA PRO B 57 8.61 -8.83 -17.87
C PRO B 57 7.62 -9.91 -17.42
N ASP B 58 6.42 -9.89 -17.98
CA ASP B 58 5.40 -10.86 -17.63
C ASP B 58 5.88 -12.27 -17.86
N GLN B 59 6.80 -12.42 -18.79
CA GLN B 59 7.37 -13.72 -19.08
C GLN B 59 8.03 -14.33 -17.86
N VAL B 60 8.43 -13.52 -16.87
CA VAL B 60 9.14 -14.05 -15.70
C VAL B 60 8.40 -13.82 -14.39
N VAL B 61 7.76 -12.66 -14.24
CA VAL B 61 7.15 -12.35 -12.96
C VAL B 61 5.80 -11.77 -13.19
N ALA B 62 5.06 -11.73 -12.10
CA ALA B 62 3.75 -11.07 -12.09
C ALA B 62 3.56 -10.26 -10.82
N VAL B 63 2.77 -9.20 -10.97
CA VAL B 63 2.43 -8.34 -9.86
C VAL B 63 1.98 -9.20 -8.68
N GLY B 64 2.56 -8.96 -7.52
CA GLY B 64 2.21 -9.77 -6.36
C GLY B 64 3.20 -10.84 -6.02
N ASP B 65 4.02 -11.28 -7.02
CA ASP B 65 4.95 -12.42 -6.81
C ASP B 65 5.98 -12.06 -5.75
N ASP B 66 6.37 -13.02 -4.92
CA ASP B 66 7.52 -12.84 -4.04
C ASP B 66 8.83 -13.03 -4.75
N ALA B 67 9.86 -12.34 -4.32
CA ALA B 67 11.12 -12.50 -4.94
C ALA B 67 12.23 -12.17 -4.02
N MET B 68 13.35 -12.82 -4.28
CA MET B 68 14.57 -12.53 -3.61
C MET B 68 15.45 -11.94 -4.65
N VAL B 69 15.89 -10.72 -4.42
CA VAL B 69 16.64 -10.05 -5.38
C VAL B 69 17.89 -9.50 -4.77
N LYS B 70 18.85 -9.28 -5.64
CA LYS B 70 20.12 -8.78 -5.27
C LYS B 70 20.15 -7.29 -5.51
N VAL B 71 20.62 -6.56 -4.50
CA VAL B 71 20.87 -5.16 -4.65
C VAL B 71 22.18 -4.94 -5.43
N ILE B 72 22.10 -4.41 -6.65
CA ILE B 72 23.30 -4.29 -7.46
C ILE B 72 23.81 -2.89 -7.63
N ASP B 73 22.97 -1.90 -7.35
CA ASP B 73 23.38 -0.50 -7.42
C ASP B 73 22.40 0.42 -6.71
N ILE B 74 22.93 1.49 -6.15
CA ILE B 74 22.12 2.48 -5.53
C ILE B 74 22.57 3.85 -5.96
N ASP B 75 21.70 4.52 -6.71
CA ASP B 75 21.96 5.83 -7.22
C ASP B 75 21.02 6.82 -6.49
N LEU B 76 21.60 7.60 -5.60
CA LEU B 76 20.88 8.54 -4.75
C LEU B 76 20.50 9.83 -5.46
N GLU B 77 21.20 10.12 -6.53
CA GLU B 77 20.94 11.30 -7.35
C GLU B 77 19.74 11.03 -8.25
N ARG B 78 19.71 9.89 -8.93
CA ARG B 78 18.52 9.49 -9.74
C ARG B 78 17.46 8.74 -8.93
N ARG B 79 17.70 8.61 -7.63
CA ARG B 79 16.86 7.84 -6.71
C ARG B 79 16.38 6.53 -7.28
N ARG B 80 17.33 5.75 -7.77
CA ARG B 80 17.05 4.41 -8.23
C ARG B 80 17.91 3.39 -7.56
N ILE B 81 17.23 2.40 -7.03
CA ILE B 81 17.83 1.22 -6.51
C ILE B 81 17.67 0.16 -7.53
N SER B 82 18.81 -0.39 -7.99
CA SER B 82 18.81 -1.44 -9.02
C SER B 82 18.87 -2.81 -8.43
N LEU B 83 18.02 -3.67 -8.96
CA LEU B 83 17.86 -5.02 -8.43
C LEU B 83 18.04 -6.02 -9.54
N SER B 84 18.43 -7.23 -9.18
CA SER B 84 18.64 -8.28 -10.15
C SER B 84 18.15 -9.58 -9.59
N LEU B 85 17.29 -10.22 -10.35
CA LEU B 85 16.81 -11.50 -10.01
C LEU B 85 17.82 -12.52 -10.57
N LYS B 86 18.19 -12.35 -11.84
CA LYS B 86 19.25 -13.13 -12.48
C LYS B 86 20.46 -13.34 -11.59
N GLN B 87 21.07 -12.23 -11.17
CA GLN B 87 22.29 -12.36 -10.35
C GLN B 87 22.10 -12.98 -8.98
N ALA B 88 20.97 -12.67 -8.36
CA ALA B 88 20.63 -13.30 -7.12
C ALA B 88 20.76 -14.81 -7.33
N ASN B 89 20.19 -15.30 -8.42
CA ASN B 89 20.18 -16.72 -8.66
C ASN B 89 21.53 -17.31 -9.06
N GLU B 90 22.27 -16.57 -9.87
CA GLU B 90 23.66 -16.84 -10.12
C GLU B 90 24.44 -16.96 -8.82
N ASP B 91 24.16 -16.17 -7.80
CA ASP B 91 24.96 -16.27 -6.56
C ASP B 91 24.40 -17.28 -5.57
N TYR B 92 23.28 -17.89 -5.90
CA TYR B 92 22.70 -18.84 -4.95
C TYR B 92 23.60 -20.04 -4.73
N THR B 93 23.58 -20.58 -3.53
CA THR B 93 24.41 -21.70 -3.19
C THR B 93 23.60 -22.46 -2.19
N GLU B 94 23.49 -23.79 -2.35
CA GLU B 94 22.71 -24.58 -1.39
C GLU B 94 23.27 -24.30 0.00
N GLU B 95 24.58 -24.16 0.05
CA GLU B 95 25.21 -23.87 1.30
C GLU B 95 24.98 -22.42 1.69
N PHE B 96 24.76 -22.21 2.98
CA PHE B 96 24.29 -20.94 3.47
C PHE B 96 25.43 -19.96 3.68
N ASP B 97 25.42 -18.84 2.95
CA ASP B 97 26.40 -17.78 3.21
C ASP B 97 25.72 -16.58 3.87
N PRO B 98 25.82 -16.48 5.19
CA PRO B 98 25.09 -15.40 5.85
C PRO B 98 25.45 -14.01 5.37
N ALA B 99 26.64 -13.86 4.81
CA ALA B 99 27.09 -12.57 4.32
C ALA B 99 26.15 -12.04 3.29
N LYS B 100 25.47 -12.92 2.57
CA LYS B 100 24.70 -12.46 1.43
C LYS B 100 23.28 -12.16 1.79
N TYR B 101 22.90 -12.45 3.02
CA TYR B 101 21.50 -12.28 3.41
C TYR B 101 21.31 -11.42 4.64
N GLY B 102 22.26 -10.53 4.93
CA GLY B 102 22.05 -9.58 6.02
C GLY B 102 23.06 -9.56 7.13
N MET B 103 24.08 -10.42 7.06
CA MET B 103 25.09 -10.48 8.12
C MET B 103 26.47 -10.21 7.55
N ALA B 104 26.55 -9.42 6.51
CA ALA B 104 27.84 -9.03 5.96
C ALA B 104 28.78 -8.37 6.98
N ASP B 105 28.25 -7.81 8.02
CA ASP B 105 29.10 -7.11 8.99
C ASP B 105 29.59 -8.09 10.04
N SER B 106 29.31 -9.38 9.85
CA SER B 106 29.99 -10.40 10.66
C SER B 106 31.28 -10.92 10.02
N TYR B 107 31.77 -10.24 8.99
CA TYR B 107 33.01 -10.65 8.32
C TYR B 107 33.92 -9.46 8.15
N ASP B 108 35.19 -9.67 8.43
CA ASP B 108 36.15 -8.58 8.42
C ASP B 108 36.64 -8.36 7.01
N GLU B 109 37.57 -7.44 6.88
CA GLU B 109 38.07 -7.05 5.57
C GLU B 109 38.84 -8.23 4.96
N GLN B 110 39.31 -9.17 5.77
CA GLN B 110 39.87 -10.43 5.24
C GLN B 110 38.87 -11.52 4.96
N GLY B 111 37.60 -11.30 5.23
CA GLY B 111 36.64 -12.38 5.14
C GLY B 111 36.51 -13.30 6.37
N ASN B 112 37.39 -13.17 7.34
CA ASN B 112 37.29 -13.95 8.55
C ASN B 112 36.09 -13.51 9.39
N TYR B 113 35.44 -14.49 9.98
CA TYR B 113 34.21 -14.30 10.76
C TYR B 113 34.51 -13.48 12.01
N ILE B 114 33.58 -12.62 12.44
CA ILE B 114 33.77 -11.86 13.66
C ILE B 114 32.82 -12.37 14.71
N PHE B 115 33.37 -12.90 15.79
CA PHE B 115 32.52 -13.34 16.88
C PHE B 115 31.88 -12.12 17.51
N PRO B 116 30.56 -12.12 17.64
CA PRO B 116 29.93 -10.89 18.19
C PRO B 116 30.28 -10.60 19.64
N GLU B 117 30.24 -9.32 20.01
CA GLU B 117 30.46 -8.91 21.39
C GLU B 117 29.49 -9.63 22.33
N GLY B 118 30.04 -10.38 23.28
CA GLY B 118 29.24 -11.14 24.25
C GLY B 118 29.26 -12.64 24.06
N PHE B 119 29.74 -13.09 22.91
CA PHE B 119 29.90 -14.52 22.66
C PHE B 119 31.35 -14.90 22.88
N ASP B 120 31.57 -15.97 23.65
CA ASP B 120 32.92 -16.39 24.01
C ASP B 120 33.34 -17.48 23.07
N ALA B 121 34.31 -17.18 22.23
CA ALA B 121 34.73 -18.10 21.19
C ALA B 121 35.39 -19.30 21.83
N GLU B 122 36.11 -19.02 22.91
CA GLU B 122 36.90 -20.00 23.61
C GLU B 122 35.97 -20.96 24.35
N THR B 123 35.00 -20.41 25.06
CA THR B 123 33.95 -21.18 25.75
C THR B 123 32.89 -21.74 24.80
N ASN B 124 32.78 -21.07 23.65
CA ASN B 124 31.75 -21.29 22.67
C ASN B 124 30.32 -21.14 23.20
N GLU B 125 30.13 -20.12 24.02
CA GLU B 125 28.87 -19.87 24.72
C GLU B 125 28.65 -18.39 24.83
N TRP B 126 27.39 -17.98 24.95
CA TRP B 126 27.09 -16.57 25.23
C TRP B 126 27.44 -16.25 26.67
N LEU B 127 27.93 -15.04 26.92
CA LEU B 127 28.22 -14.59 28.28
C LEU B 127 27.00 -14.00 28.99
N GLU B 128 26.81 -14.40 30.25
CA GLU B 128 25.87 -13.71 31.14
C GLU B 128 26.47 -12.37 31.61
N GLY B 129 25.76 -11.24 31.55
CA GLY B 129 24.46 -11.06 30.92
C GLY B 129 24.53 -10.10 29.74
N PHE B 130 24.58 -10.68 28.54
CA PHE B 130 24.42 -9.97 27.29
C PHE B 130 23.21 -10.54 26.58
N GLU B 131 22.24 -11.02 27.34
CA GLU B 131 21.06 -11.67 26.76
C GLU B 131 20.37 -10.74 25.77
N LYS B 132 20.54 -9.43 25.94
CA LYS B 132 20.12 -8.43 24.97
C LYS B 132 20.79 -8.59 23.60
N GLN B 133 22.10 -8.75 23.60
CA GLN B 133 22.88 -8.80 22.33
C GLN B 133 22.71 -10.20 21.67
N ARG B 134 22.63 -11.22 22.50
CA ARG B 134 22.22 -12.57 22.08
C ARG B 134 20.90 -12.57 21.34
N ALA B 135 19.95 -11.80 21.87
CA ALA B 135 18.60 -11.79 21.37
C ALA B 135 18.58 -11.20 19.97
N GLU B 136 19.19 -10.03 19.81
CA GLU B 136 19.28 -9.35 18.50
C GLU B 136 19.98 -10.22 17.50
N TRP B 137 21.17 -10.69 17.88
CA TRP B 137 21.94 -11.57 17.00
C TRP B 137 21.14 -12.79 16.55
N GLU B 138 20.60 -13.54 17.51
CA GLU B 138 19.81 -14.73 17.18
C GLU B 138 18.72 -14.38 16.17
N ALA B 139 18.12 -13.24 16.38
CA ALA B 139 17.09 -12.76 15.50
C ALA B 139 17.66 -12.52 14.14
N ARG B 140 18.83 -11.93 14.08
CA ARG B 140 19.43 -11.59 12.81
C ARG B 140 19.76 -12.81 11.98
N TYR B 141 20.31 -13.83 12.61
CA TYR B 141 20.67 -15.04 11.92
C TYR B 141 19.44 -15.69 11.39
N ALA B 142 18.40 -15.67 12.19
CA ALA B 142 17.22 -16.37 11.81
C ALA B 142 16.65 -15.76 10.59
N GLU B 143 16.64 -14.45 10.56
CA GLU B 143 16.06 -13.75 9.42
C GLU B 143 16.93 -14.04 8.20
N ALA B 144 18.25 -14.06 8.39
CA ALA B 144 19.14 -14.40 7.30
C ALA B 144 18.83 -15.79 6.78
N GLU B 145 18.61 -16.70 7.71
CA GLU B 145 18.27 -18.09 7.31
C GLU B 145 17.01 -18.10 6.48
N ARG B 146 15.98 -17.46 7.02
CA ARG B 146 14.65 -17.44 6.42
C ARG B 146 14.83 -16.98 5.00
N ARG B 147 15.65 -15.96 4.83
CA ARG B 147 15.86 -15.38 3.53
C ARG B 147 16.51 -16.34 2.55
N HIS B 148 17.53 -17.05 3.04
CA HIS B 148 18.16 -18.08 2.21
C HIS B 148 17.12 -19.15 1.86
N LYS B 149 16.44 -19.70 2.87
CA LYS B 149 15.37 -20.68 2.59
C LYS B 149 14.42 -20.23 1.48
N MET B 150 13.92 -19.00 1.58
CA MET B 150 13.07 -18.50 0.51
C MET B 150 13.77 -18.57 -0.82
N HIS B 151 15.06 -18.25 -0.83
CA HIS B 151 15.77 -18.22 -2.08
C HIS B 151 15.82 -19.62 -2.65
N THR B 152 15.99 -20.58 -1.74
CA THR B 152 16.03 -21.97 -2.10
C THR B 152 14.70 -22.24 -2.86
N ALA B 153 13.57 -22.02 -2.17
CA ALA B 153 12.24 -22.15 -2.80
C ALA B 153 12.17 -21.51 -4.18
N GLN B 154 12.68 -20.28 -4.29
CA GLN B 154 12.69 -19.62 -5.57
C GLN B 154 13.51 -20.41 -6.61
N MET B 155 14.63 -20.97 -6.18
CA MET B 155 15.44 -21.74 -7.12
C MET B 155 14.71 -23.02 -7.54
N GLU B 156 14.02 -23.70 -6.61
CA GLU B 156 13.21 -24.89 -6.97
C GLU B 156 12.07 -24.54 -7.87
N LYS B 157 11.41 -23.42 -7.59
CA LYS B 157 10.33 -22.99 -8.45
C LYS B 157 10.87 -22.67 -9.83
N PHE B 158 12.09 -22.12 -9.94
CA PHE B 158 12.73 -21.92 -11.25
C PHE B 158 13.05 -23.31 -11.86
N ALA B 159 12.99 -24.35 -11.02
CA ALA B 159 13.03 -25.73 -11.49
C ALA B 159 11.99 -25.93 -12.60
N ALA B 160 10.73 -25.68 -12.31
CA ALA B 160 9.70 -25.78 -13.35
C ALA B 160 10.18 -25.01 -14.61
N ALA B 161 10.37 -25.72 -15.72
CA ALA B 161 10.97 -25.12 -16.95
C ALA B 161 11.30 -26.19 -17.98
C1 VGL C . -0.32 0.78 10.05
C3 VGL C . -2.52 0.08 10.01
C4 VGL C . -2.08 -1.23 9.72
C2 VGL C . 0.66 1.88 10.22
C6 VGL C . 0.12 -0.52 9.75
O1 VGL C . 0.24 2.94 10.75
O2 VGL C . 1.85 1.68 9.81
N2 VGL C . -1.64 1.09 10.17
N5 VGL C . -0.76 -1.50 9.57
C1 VGL D . -0.60 8.62 7.42
C3 VGL D . -1.63 9.91 5.78
C4 VGL D . -0.55 9.69 4.88
C2 VGL D . -0.61 8.02 8.83
C6 VGL D . 0.49 8.40 6.52
O1 VGL D . -1.70 7.57 9.28
O2 VGL D . 0.43 7.99 9.54
N2 VGL D . -1.66 9.39 7.02
N5 VGL D . 0.51 8.93 5.26
C1 VGL E . 13.63 4.11 -17.18
C3 VGL E . 15.58 2.92 -17.01
C4 VGL E . 15.37 2.45 -18.32
C2 VGL E . 12.67 5.04 -16.56
C6 VGL E . 13.39 3.66 -18.48
O1 VGL E . 12.73 5.18 -15.34
O2 VGL E . 11.89 5.64 -17.32
N2 VGL E . 14.70 3.75 -16.44
N5 VGL E . 14.28 2.83 -19.03
C1 VGL F . 9.70 4.94 -9.81
C3 VGL F . 9.81 3.76 -7.82
C4 VGL F . 8.51 3.32 -8.08
C2 VGL F . 10.37 5.85 -10.79
C6 VGL F . 8.39 4.51 -10.06
O1 VGL F . 9.63 6.50 -11.60
O2 VGL F . 11.62 5.92 -10.68
N2 VGL F . 10.40 4.56 -8.71
N5 VGL F . 7.82 3.69 -9.18
#